data_8V7I
#
_entry.id   8V7I
#
_cell.length_a   98.547
_cell.length_b   98.547
_cell.length_c   81.894
_cell.angle_alpha   90.00
_cell.angle_beta   90.00
_cell.angle_gamma   120.00
#
_symmetry.space_group_name_H-M   'P 61'
#
loop_
_entity.id
_entity.type
_entity.pdbx_description
1 polymer 'DNA polymerase eta'
2 polymer "DNA (5'-D(*CP*AP*TP*TP*GP*TP*GP*AP*CP*GP*CP*T)-3')"
3 polymer "DNA (5'-D(*AP*GP*CP*GP*TP*CP*A)-R(P*(CAR))-3')"
4 non-polymer 'MAGNESIUM ION'
5 non-polymer "2'-DEOXYADENOSINE 5'-TRIPHOSPHATE"
6 water water
#
loop_
_entity_poly.entity_id
_entity_poly.type
_entity_poly.pdbx_seq_one_letter_code
_entity_poly.pdbx_strand_id
1 'polypeptide(L)'
;GPHMATGQDRVVALVDMDCFFVQVEQRQNPHLRNKPCAVVQYKSWKGGGIIAVSYEARAFGVTRSMWADDAKKLCPDLLL
AQVRESRGKANLTKYREASVEVMEIMSRFAVIERASIDEAYVDLTSAVQERLQKLQGQPISADLLPSTYIEGLPQGPTTA
EETVQKEGMRKQGLFQWLDSLQIDNLTSPDLQLTVGAVIVEEMRAAIERETGFQCSAGISHNKVLAKLACGLNKPNRQTL
VSHGSVPQLFSQMPIRKIRSLGGKLGASVIEILGIEYMGELTQFTESQLQSHFGEKNGSWLYAMCRGIEHDPVKPRQLPK
TIGCSKNFPGKTALATREQVQWWLLQLAQELEERLTKDRNDNDRVATQLVVSIRVQGDKRLSSLRRCCALTRYDAHKMSH
DAFTVIKNCNTSGIQTEWSPPLTMLFLCATKFSAS
;
A
2 'polydeoxyribonucleotide' (DC)(DA)(DT)(DT)(DG)(DT)(DG)(DA)(DC)(DG)(DC)(DT) T
3 'polydeoxyribonucleotide' (DA)(DG)(DC)(DG)(DT)(DC)(DA)(CAR) P
#
loop_
_chem_comp.id
_chem_comp.type
_chem_comp.name
_chem_comp.formula
CAR RNA linking 'CYTOSINE ARABINOSE-5'-PHOSPHATE' 'C9 H14 N3 O8 P'
DA DNA linking 2'-DEOXYADENOSINE-5'-MONOPHOSPHATE 'C10 H14 N5 O6 P'
DC DNA linking 2'-DEOXYCYTIDINE-5'-MONOPHOSPHATE 'C9 H14 N3 O7 P'
DG DNA linking 2'-DEOXYGUANOSINE-5'-MONOPHOSPHATE 'C10 H14 N5 O7 P'
DT DNA linking THYMIDINE-5'-MONOPHOSPHATE 'C10 H15 N2 O8 P'
DTP non-polymer '2'-DEOXYADENOSINE 5'-TRIPHOSPHATE' 'C10 H16 N5 O12 P3'
MG non-polymer 'MAGNESIUM ION' 'Mg 2'
#
# COMPACT_ATOMS: atom_id res chain seq x y z
N GLY A 1 12.44 0.85 33.60
CA GLY A 1 12.21 -0.40 34.32
C GLY A 1 10.80 -0.95 34.20
N PRO A 2 10.14 -1.15 35.36
CA PRO A 2 8.79 -1.73 35.33
C PRO A 2 7.74 -0.82 34.71
N HIS A 3 7.98 0.49 34.67
CA HIS A 3 7.00 1.47 34.20
C HIS A 3 7.27 1.92 32.77
N MET A 4 8.23 1.30 32.09
CA MET A 4 8.56 1.65 30.71
C MET A 4 7.75 0.72 29.81
N ALA A 5 6.65 1.26 29.28
CA ALA A 5 5.79 0.48 28.39
C ALA A 5 6.51 0.20 27.09
N THR A 6 6.29 -1.00 26.54
CA THR A 6 7.14 -1.56 25.50
C THR A 6 6.44 -1.69 24.15
N GLY A 7 5.24 -1.15 24.01
CA GLY A 7 4.53 -1.23 22.74
C GLY A 7 4.22 -2.65 22.34
N GLN A 8 3.80 -3.48 23.29
CA GLN A 8 3.55 -4.91 23.04
C GLN A 8 2.08 -5.27 23.26
N ASP A 9 1.19 -4.26 23.28
CA ASP A 9 -0.20 -4.42 23.66
C ASP A 9 -1.10 -4.95 22.55
N ARG A 10 -0.68 -4.83 21.29
CA ARG A 10 -1.51 -5.18 20.15
C ARG A 10 -0.82 -6.26 19.32
N VAL A 11 -1.59 -6.97 18.51
CA VAL A 11 -1.07 -7.80 17.42
C VAL A 11 -1.58 -7.22 16.11
N VAL A 12 -0.66 -6.81 15.23
CA VAL A 12 -1.01 -6.12 13.99
C VAL A 12 -0.34 -6.85 12.84
N ALA A 13 -1.07 -7.01 11.74
CA ALA A 13 -0.50 -7.62 10.54
C ALA A 13 -0.64 -6.66 9.37
N LEU A 14 0.24 -6.83 8.39
CA LEU A 14 0.18 -6.09 7.13
C LEU A 14 0.21 -7.13 6.02
N VAL A 15 -0.85 -7.18 5.22
CA VAL A 15 -0.97 -8.18 4.17
C VAL A 15 -0.85 -7.46 2.83
N ASP A 16 0.04 -7.95 1.98
CA ASP A 16 0.33 -7.29 0.71
C ASP A 16 0.20 -8.36 -0.38
N MET A 17 -0.64 -8.11 -1.36
CA MET A 17 -0.69 -9.05 -2.47
C MET A 17 0.54 -8.94 -3.35
N ASP A 18 1.22 -10.07 -3.55
CA ASP A 18 2.38 -10.16 -4.42
C ASP A 18 2.02 -9.70 -5.83
N CYS A 19 2.85 -8.82 -6.40
CA CYS A 19 2.70 -8.26 -7.75
C CYS A 19 1.25 -8.31 -8.22
N PHE A 20 0.39 -7.52 -7.57
CA PHE A 20 -1.04 -7.78 -7.60
C PHE A 20 -1.62 -7.73 -9.02
N PHE A 21 -1.37 -6.64 -9.76
CA PHE A 21 -1.96 -6.53 -11.09
C PHE A 21 -1.55 -7.71 -11.97
N VAL A 22 -0.28 -8.14 -11.84
CA VAL A 22 0.20 -9.32 -12.54
C VAL A 22 -0.60 -10.56 -12.14
N GLN A 23 -0.83 -10.75 -10.82
CA GLN A 23 -1.63 -11.91 -10.44
C GLN A 23 -3.04 -11.84 -11.03
N VAL A 24 -3.66 -10.66 -11.04
CA VAL A 24 -5.01 -10.56 -11.62
C VAL A 24 -4.99 -11.00 -13.08
N GLU A 25 -3.98 -10.53 -13.84
CA GLU A 25 -3.90 -10.92 -15.25
C GLU A 25 -3.55 -12.40 -15.41
N GLN A 26 -2.77 -12.97 -14.48
CA GLN A 26 -2.40 -14.37 -14.60
C GLN A 26 -3.56 -15.28 -14.25
N ARG A 27 -4.42 -14.84 -13.33
CA ARG A 27 -5.62 -15.62 -13.10
C ARG A 27 -6.48 -15.64 -14.36
N GLN A 28 -6.62 -14.49 -15.00
CA GLN A 28 -7.52 -14.39 -16.16
C GLN A 28 -6.97 -15.13 -17.37
N ASN A 29 -5.66 -15.09 -17.56
CA ASN A 29 -4.97 -15.71 -18.71
C ASN A 29 -3.94 -16.72 -18.22
N PRO A 30 -4.29 -18.00 -18.16
CA PRO A 30 -3.35 -18.99 -17.63
C PRO A 30 -2.05 -19.10 -18.42
N HIS A 31 -2.02 -18.66 -19.69
CA HIS A 31 -0.76 -18.66 -20.43
C HIS A 31 0.29 -17.79 -19.78
N LEU A 32 -0.11 -16.87 -18.89
CA LEU A 32 0.84 -15.96 -18.25
C LEU A 32 1.38 -16.49 -16.93
N ARG A 33 0.81 -17.58 -16.39
CA ARG A 33 1.15 -18.03 -15.05
C ARG A 33 2.55 -18.61 -15.03
N ASN A 34 3.28 -18.38 -13.92
CA ASN A 34 4.61 -18.97 -13.71
C ASN A 34 5.57 -18.60 -14.83
N LYS A 35 5.49 -17.36 -15.31
CA LYS A 35 6.31 -16.85 -16.39
C LYS A 35 6.82 -15.48 -16.01
N PRO A 36 7.95 -15.04 -16.57
CA PRO A 36 8.29 -13.62 -16.52
C PRO A 36 7.23 -12.80 -17.25
N CYS A 37 6.52 -11.98 -16.47
N CYS A 37 6.52 -11.98 -16.49
CA CYS A 37 5.31 -11.27 -16.87
CA CYS A 37 5.48 -11.19 -17.13
C CYS A 37 5.36 -9.88 -16.27
C CYS A 37 5.26 -9.94 -16.30
N ALA A 38 4.78 -8.91 -16.98
CA ALA A 38 4.58 -7.59 -16.41
C ALA A 38 3.25 -7.05 -16.91
N VAL A 39 2.72 -6.07 -16.16
CA VAL A 39 1.56 -5.29 -16.59
C VAL A 39 2.02 -3.91 -17.00
N VAL A 40 1.50 -3.43 -18.13
CA VAL A 40 1.93 -2.16 -18.77
CA VAL A 40 1.93 -2.15 -18.73
C VAL A 40 0.71 -1.28 -19.00
N GLN A 41 0.92 0.03 -18.93
CA GLN A 41 -0.15 1.01 -19.23
C GLN A 41 0.28 1.71 -20.51
N TYR A 42 -0.62 1.76 -21.48
CA TYR A 42 -0.32 2.40 -22.78
C TYR A 42 0.70 1.53 -23.54
N LYS A 43 1.02 1.89 -24.78
CA LYS A 43 1.90 1.01 -25.59
C LYS A 43 2.69 1.79 -26.65
N SER A 44 2.29 3.02 -26.94
CA SER A 44 2.94 3.74 -28.07
C SER A 44 4.30 4.31 -27.68
N TRP A 45 4.36 5.00 -26.54
CA TRP A 45 5.64 5.57 -26.07
C TRP A 45 6.52 4.47 -25.48
N LYS A 46 7.58 4.08 -26.20
CA LYS A 46 8.60 3.12 -25.73
C LYS A 46 7.99 1.80 -25.23
N GLY A 47 6.88 1.37 -25.82
CA GLY A 47 6.29 0.09 -25.52
C GLY A 47 5.30 0.10 -24.38
N GLY A 48 5.10 1.25 -23.74
CA GLY A 48 4.28 1.35 -22.55
C GLY A 48 5.09 1.35 -21.26
N GLY A 49 4.49 1.89 -20.20
CA GLY A 49 5.14 1.93 -18.91
C GLY A 49 4.76 0.71 -18.10
N ILE A 50 5.76 0.06 -17.49
CA ILE A 50 5.50 -1.13 -16.68
C ILE A 50 5.10 -0.68 -15.29
N ILE A 51 3.99 -1.21 -14.83
CA ILE A 51 3.48 -0.87 -13.49
C ILE A 51 3.44 -2.07 -12.55
N ALA A 52 3.65 -3.29 -13.03
CA ALA A 52 3.75 -4.43 -12.10
C ALA A 52 4.57 -5.57 -12.73
N VAL A 53 5.31 -6.31 -11.90
CA VAL A 53 6.32 -7.25 -12.40
C VAL A 53 6.27 -8.55 -11.61
N SER A 54 6.17 -9.68 -12.32
CA SER A 54 6.17 -10.97 -11.67
C SER A 54 7.57 -11.25 -11.13
N TYR A 55 7.64 -12.16 -10.15
CA TYR A 55 8.95 -12.36 -9.52
C TYR A 55 9.93 -13.02 -10.49
N GLU A 56 9.42 -13.86 -11.40
CA GLU A 56 10.27 -14.42 -12.45
C GLU A 56 10.89 -13.32 -13.29
N ALA A 57 10.12 -12.26 -13.58
CA ALA A 57 10.66 -11.18 -14.39
C ALA A 57 11.60 -10.28 -13.58
N ARG A 58 11.29 -10.04 -12.30
CA ARG A 58 12.21 -9.28 -11.44
C ARG A 58 13.60 -9.90 -11.41
N ALA A 59 13.69 -11.23 -11.49
CA ALA A 59 15.00 -11.88 -11.52
C ALA A 59 15.88 -11.42 -12.69
N PHE A 60 15.29 -10.94 -13.79
CA PHE A 60 16.05 -10.40 -14.90
C PHE A 60 16.34 -8.91 -14.77
N GLY A 61 15.87 -8.26 -13.70
CA GLY A 61 16.05 -6.84 -13.52
C GLY A 61 14.90 -5.96 -13.98
N VAL A 62 13.77 -6.56 -14.34
CA VAL A 62 12.62 -5.76 -14.76
C VAL A 62 12.01 -5.12 -13.52
N THR A 63 11.71 -3.82 -13.60
CA THR A 63 11.19 -3.10 -12.43
C THR A 63 10.00 -2.26 -12.84
N ARG A 64 9.26 -1.81 -11.84
CA ARG A 64 8.18 -0.85 -12.13
CA ARG A 64 8.17 -0.87 -12.17
C ARG A 64 8.82 0.43 -12.64
N SER A 65 8.06 1.23 -13.36
CA SER A 65 8.55 2.55 -13.86
C SER A 65 9.50 2.37 -15.03
N MET A 66 9.65 1.18 -15.59
CA MET A 66 10.55 0.95 -16.70
C MET A 66 9.71 0.92 -17.98
N TRP A 67 10.26 1.45 -19.08
CA TRP A 67 9.55 1.32 -20.34
C TRP A 67 9.57 -0.14 -20.79
N ALA A 68 8.47 -0.59 -21.43
CA ALA A 68 8.43 -1.99 -21.85
C ALA A 68 9.55 -2.31 -22.84
N ASP A 69 9.88 -1.39 -23.75
CA ASP A 69 10.97 -1.66 -24.69
C ASP A 69 12.29 -1.95 -23.96
N ASP A 70 12.54 -1.22 -22.88
CA ASP A 70 13.75 -1.47 -22.07
C ASP A 70 13.68 -2.76 -21.28
N ALA A 71 12.51 -3.06 -20.70
CA ALA A 71 12.37 -4.32 -20.01
C ALA A 71 12.62 -5.48 -20.95
N LYS A 72 12.18 -5.35 -22.20
CA LYS A 72 12.43 -6.40 -23.18
C LYS A 72 13.92 -6.56 -23.47
N LYS A 73 14.68 -5.46 -23.38
CA LYS A 73 16.13 -5.60 -23.50
C LYS A 73 16.69 -6.49 -22.39
N LEU A 74 16.20 -6.31 -21.15
CA LEU A 74 16.69 -7.17 -20.06
C LEU A 74 16.13 -8.59 -20.12
N CYS A 75 14.92 -8.75 -20.65
CA CYS A 75 14.16 -10.00 -20.58
C CYS A 75 13.41 -10.18 -21.88
N PRO A 76 14.05 -10.76 -22.89
CA PRO A 76 13.44 -10.78 -24.23
C PRO A 76 12.20 -11.66 -24.31
N ASP A 77 12.03 -12.62 -23.40
CA ASP A 77 10.83 -13.45 -23.38
C ASP A 77 9.77 -12.92 -22.43
N LEU A 78 9.95 -11.70 -21.89
CA LEU A 78 8.96 -11.06 -21.03
C LEU A 78 7.59 -11.09 -21.68
N LEU A 79 6.58 -11.54 -20.92
CA LEU A 79 5.22 -11.48 -21.42
C LEU A 79 4.54 -10.28 -20.78
N LEU A 80 3.58 -9.67 -21.51
CA LEU A 80 2.96 -8.42 -21.08
C LEU A 80 1.45 -8.54 -21.11
N ALA A 81 0.81 -7.93 -20.13
CA ALA A 81 -0.63 -7.71 -20.13
C ALA A 81 -0.85 -6.22 -20.05
N GLN A 82 -1.80 -5.70 -20.82
CA GLN A 82 -2.07 -4.26 -20.87
C GLN A 82 -3.26 -3.89 -20.02
N VAL A 83 -3.12 -2.78 -19.27
CA VAL A 83 -4.25 -2.18 -18.58
C VAL A 83 -5.31 -1.80 -19.61
N ARG A 84 -6.57 -1.98 -19.22
CA ARG A 84 -7.71 -1.58 -20.04
C ARG A 84 -7.69 -0.08 -20.29
N GLU A 85 -8.05 0.32 -21.50
CA GLU A 85 -8.24 1.72 -21.86
C GLU A 85 -9.72 1.96 -22.08
N SER A 86 -10.26 2.99 -21.42
CA SER A 86 -11.63 3.42 -21.63
C SER A 86 -11.64 4.94 -21.70
N ARG A 87 -12.43 5.47 -22.63
CA ARG A 87 -12.57 6.92 -22.77
C ARG A 87 -11.23 7.60 -22.91
N GLY A 88 -10.26 6.91 -23.55
CA GLY A 88 -8.98 7.53 -23.81
C GLY A 88 -7.95 7.42 -22.70
N LYS A 89 -8.24 6.71 -21.60
CA LYS A 89 -7.30 6.64 -20.48
C LYS A 89 -7.30 5.24 -19.88
N ALA A 90 -6.27 4.97 -19.09
CA ALA A 90 -6.23 3.71 -18.33
C ALA A 90 -7.39 3.64 -17.35
N ASN A 91 -7.99 2.45 -17.27
CA ASN A 91 -9.15 2.23 -16.41
C ASN A 91 -8.82 1.03 -15.54
N LEU A 92 -8.75 1.24 -14.22
CA LEU A 92 -8.23 0.22 -13.31
C LEU A 92 -9.33 -0.60 -12.65
N THR A 93 -10.52 -0.66 -13.26
CA THR A 93 -11.65 -1.29 -12.60
C THR A 93 -11.40 -2.75 -12.26
N LYS A 94 -10.79 -3.52 -13.18
CA LYS A 94 -10.56 -4.94 -12.95
C LYS A 94 -9.77 -5.18 -11.65
N TYR A 95 -8.79 -4.30 -11.38
CA TYR A 95 -7.95 -4.44 -10.20
C TYR A 95 -8.65 -3.94 -8.95
N ARG A 96 -9.43 -2.86 -9.04
CA ARG A 96 -10.27 -2.50 -7.89
C ARG A 96 -11.23 -3.62 -7.49
N GLU A 97 -11.87 -4.26 -8.47
CA GLU A 97 -12.85 -5.31 -8.13
C GLU A 97 -12.15 -6.54 -7.55
N ALA A 98 -10.98 -6.88 -8.09
CA ALA A 98 -10.17 -7.97 -7.50
C ALA A 98 -9.74 -7.63 -6.07
N SER A 99 -9.39 -6.38 -5.84
CA SER A 99 -9.04 -5.96 -4.48
C SER A 99 -10.20 -6.13 -3.53
N VAL A 100 -11.41 -5.77 -3.98
CA VAL A 100 -12.56 -5.95 -3.10
C VAL A 100 -12.73 -7.43 -2.75
N GLU A 101 -12.53 -8.33 -3.73
CA GLU A 101 -12.61 -9.78 -3.42
C GLU A 101 -11.72 -10.12 -2.22
N VAL A 102 -10.48 -9.63 -2.27
CA VAL A 102 -9.51 -10.00 -1.25
C VAL A 102 -9.83 -9.34 0.09
N MET A 103 -10.22 -8.06 0.06
N MET A 103 -10.20 -8.05 0.08
CA MET A 103 -10.54 -7.33 1.30
CA MET A 103 -10.50 -7.34 1.31
C MET A 103 -11.73 -7.95 2.01
C MET A 103 -11.74 -7.91 2.00
N GLU A 104 -12.74 -8.36 1.23
CA GLU A 104 -13.92 -8.98 1.85
C GLU A 104 -13.56 -10.27 2.55
N ILE A 105 -12.67 -11.08 1.98
CA ILE A 105 -12.21 -12.27 2.70
C ILE A 105 -11.43 -11.89 3.97
N MET A 106 -10.49 -10.96 3.86
CA MET A 106 -9.76 -10.55 5.06
C MET A 106 -10.71 -10.10 6.18
N SER A 107 -11.77 -9.38 5.82
CA SER A 107 -12.70 -8.87 6.83
C SER A 107 -13.42 -9.98 7.59
N ARG A 108 -13.42 -11.22 7.10
CA ARG A 108 -14.07 -12.27 7.89
C ARG A 108 -13.29 -12.58 9.15
N PHE A 109 -11.97 -12.41 9.10
CA PHE A 109 -11.09 -12.80 10.20
C PHE A 109 -10.92 -11.69 11.23
N ALA A 110 -10.80 -10.45 10.79
CA ALA A 110 -10.50 -9.36 11.69
C ALA A 110 -10.87 -8.08 10.98
N VAL A 111 -10.80 -6.97 11.71
CA VAL A 111 -11.08 -5.66 11.12
C VAL A 111 -9.85 -5.17 10.38
N ILE A 112 -10.06 -4.59 9.20
CA ILE A 112 -8.95 -4.22 8.33
C ILE A 112 -8.99 -2.72 8.02
N GLU A 113 -7.80 -2.19 7.72
CA GLU A 113 -7.62 -0.84 7.20
C GLU A 113 -7.06 -0.96 5.80
N ARG A 114 -7.84 -0.57 4.79
CA ARG A 114 -7.36 -0.60 3.41
C ARG A 114 -6.32 0.50 3.25
N ALA A 115 -5.06 0.10 3.13
CA ALA A 115 -3.99 1.06 2.97
C ALA A 115 -3.77 1.43 1.52
N SER A 116 -3.98 0.48 0.61
CA SER A 116 -3.92 0.75 -0.81
C SER A 116 -4.67 -0.37 -1.52
N ILE A 117 -4.74 -0.27 -2.86
CA ILE A 117 -5.45 -1.28 -3.64
C ILE A 117 -5.00 -2.69 -3.30
N ASP A 118 -3.74 -2.87 -2.89
CA ASP A 118 -3.25 -4.23 -2.71
CA ASP A 118 -3.23 -4.25 -2.72
C ASP A 118 -2.67 -4.44 -1.32
N GLU A 119 -3.01 -3.61 -0.34
CA GLU A 119 -2.38 -3.77 0.97
C GLU A 119 -3.41 -3.42 2.04
N ALA A 120 -3.48 -4.17 3.13
CA ALA A 120 -4.33 -3.80 4.24
C ALA A 120 -3.66 -4.15 5.55
N TYR A 121 -3.88 -3.30 6.54
CA TYR A 121 -3.50 -3.66 7.90
C TYR A 121 -4.64 -4.39 8.58
N VAL A 122 -4.27 -5.29 9.50
CA VAL A 122 -5.19 -6.18 10.20
C VAL A 122 -4.93 -6.01 11.69
N ASP A 123 -5.97 -5.69 12.45
CA ASP A 123 -5.88 -5.67 13.90
C ASP A 123 -6.30 -7.04 14.43
N LEU A 124 -5.34 -7.82 14.90
CA LEU A 124 -5.55 -9.20 15.34
C LEU A 124 -5.65 -9.38 16.86
N THR A 125 -5.59 -8.30 17.65
CA THR A 125 -5.54 -8.44 19.11
C THR A 125 -6.69 -9.27 19.69
N SER A 126 -7.94 -8.95 19.32
CA SER A 126 -9.06 -9.68 19.91
C SER A 126 -9.18 -11.08 19.32
N ALA A 127 -8.92 -11.22 18.02
CA ALA A 127 -8.87 -12.54 17.41
C ALA A 127 -7.90 -13.46 18.14
N VAL A 128 -6.71 -12.95 18.54
CA VAL A 128 -5.72 -13.78 19.22
CA VAL A 128 -5.76 -13.84 19.19
CA VAL A 128 -5.75 -13.82 19.20
C VAL A 128 -6.19 -14.16 20.61
N GLN A 129 -6.81 -13.20 21.33
CA GLN A 129 -7.34 -13.61 22.64
C GLN A 129 -8.34 -14.75 22.52
N GLU A 130 -9.27 -14.63 21.56
CA GLU A 130 -10.26 -15.68 21.35
C GLU A 130 -9.59 -17.02 21.06
N ARG A 131 -8.63 -17.02 20.13
CA ARG A 131 -7.96 -18.27 19.77
C ARG A 131 -7.15 -18.83 20.93
N LEU A 132 -6.50 -17.97 21.73
CA LEU A 132 -5.74 -18.46 22.89
C LEU A 132 -6.64 -19.16 23.89
N GLN A 133 -7.77 -18.54 24.25
CA GLN A 133 -8.56 -19.20 25.28
C GLN A 133 -9.24 -20.44 24.69
N LYS A 134 -9.39 -20.49 23.36
CA LYS A 134 -9.81 -21.74 22.73
C LYS A 134 -8.73 -22.81 22.85
N LEU A 135 -7.46 -22.42 22.78
CA LEU A 135 -6.39 -23.41 22.94
C LEU A 135 -6.48 -24.08 24.31
N GLN A 136 -6.57 -23.29 25.38
CA GLN A 136 -6.49 -23.81 26.75
C GLN A 136 -5.20 -24.59 26.95
N GLY A 137 -4.08 -23.98 26.60
CA GLY A 137 -2.78 -24.41 27.06
C GLY A 137 -1.99 -25.29 26.12
N GLN A 138 -2.59 -25.83 25.05
CA GLN A 138 -1.73 -26.78 24.34
C GLN A 138 -0.77 -26.05 23.41
N PRO A 139 0.40 -26.63 23.18
CA PRO A 139 1.44 -25.93 22.42
C PRO A 139 1.04 -25.71 20.97
N ILE A 140 1.79 -24.85 20.30
CA ILE A 140 1.55 -24.49 18.91
C ILE A 140 2.52 -25.27 18.04
N SER A 141 1.97 -26.04 17.10
CA SER A 141 2.78 -26.91 16.26
C SER A 141 3.34 -26.14 15.08
N ALA A 142 4.57 -26.49 14.69
CA ALA A 142 5.18 -25.95 13.49
C ALA A 142 4.28 -26.16 12.29
N ASP A 143 3.49 -27.23 12.31
CA ASP A 143 2.60 -27.53 11.20
C ASP A 143 1.58 -26.43 10.99
N LEU A 144 1.30 -25.63 12.02
CA LEU A 144 0.35 -24.53 11.90
C LEU A 144 0.99 -23.28 11.29
N LEU A 145 2.28 -23.29 11.07
CA LEU A 145 3.02 -22.12 10.56
C LEU A 145 3.86 -22.49 9.33
N PRO A 146 3.25 -23.05 8.29
CA PRO A 146 4.05 -23.66 7.20
C PRO A 146 4.79 -22.68 6.32
N SER A 147 4.49 -21.37 6.40
CA SER A 147 5.14 -20.40 5.52
C SER A 147 5.68 -19.20 6.31
N THR A 148 5.82 -19.37 7.63
CA THR A 148 6.26 -18.30 8.54
C THR A 148 7.78 -18.32 8.78
N TYR A 149 8.39 -17.14 8.71
CA TYR A 149 9.75 -16.89 9.11
C TYR A 149 9.73 -16.15 10.43
N ILE A 150 10.65 -16.50 11.34
CA ILE A 150 10.84 -15.75 12.57
C ILE A 150 12.09 -14.91 12.42
N GLU A 151 11.93 -13.60 12.26
CA GLU A 151 13.09 -12.76 11.99
C GLU A 151 14.10 -12.87 13.13
N GLY A 152 15.37 -13.08 12.75
CA GLY A 152 16.48 -13.14 13.68
C GLY A 152 16.88 -14.53 14.04
N LEU A 153 16.10 -15.53 13.65
CA LEU A 153 16.38 -16.93 13.92
C LEU A 153 16.57 -17.66 12.60
N PRO A 154 17.32 -18.78 12.59
CA PRO A 154 18.04 -19.36 13.73
C PRO A 154 19.29 -18.57 14.10
N GLN A 155 19.77 -18.67 15.34
CA GLN A 155 21.09 -18.14 15.65
C GLN A 155 21.71 -19.12 16.64
N GLY A 156 22.93 -18.84 17.08
CA GLY A 156 23.58 -19.65 18.10
C GLY A 156 24.16 -20.96 17.60
N GLN A 165 19.86 -24.78 2.37
CA GLN A 165 18.55 -24.68 1.73
C GLN A 165 17.64 -23.72 2.51
N LYS A 166 16.95 -22.85 1.78
CA LYS A 166 16.17 -21.79 2.41
C LYS A 166 15.09 -22.36 3.33
N GLU A 167 14.35 -23.37 2.84
CA GLU A 167 13.27 -23.93 3.65
C GLU A 167 13.81 -24.58 4.91
N GLY A 168 14.97 -25.21 4.81
CA GLY A 168 15.59 -25.81 5.98
C GLY A 168 15.89 -24.77 7.05
N MET A 169 16.53 -23.66 6.66
CA MET A 169 16.72 -22.54 7.58
C MET A 169 15.41 -22.03 8.16
N ARG A 170 14.39 -21.82 7.32
CA ARG A 170 13.12 -21.34 7.86
C ARG A 170 12.65 -22.22 8.99
N LYS A 171 12.69 -23.55 8.77
CA LYS A 171 12.20 -24.49 9.77
C LYS A 171 13.10 -24.53 11.01
N GLN A 172 14.42 -24.41 10.83
CA GLN A 172 15.30 -24.32 11.99
C GLN A 172 14.91 -23.13 12.86
N GLY A 173 14.75 -21.97 12.23
CA GLY A 173 14.38 -20.78 12.99
C GLY A 173 13.05 -20.93 13.70
N LEU A 174 12.06 -21.50 13.00
CA LEU A 174 10.75 -21.70 13.61
C LEU A 174 10.83 -22.67 14.79
N PHE A 175 11.57 -23.79 14.65
CA PHE A 175 11.75 -24.68 15.80
C PHE A 175 12.36 -23.98 16.99
N GLN A 176 13.47 -23.23 16.77
CA GLN A 176 14.06 -22.48 17.89
C GLN A 176 13.01 -21.59 18.55
N TRP A 177 12.20 -20.90 17.76
CA TRP A 177 11.20 -20.01 18.33
C TRP A 177 10.18 -20.78 19.16
N LEU A 178 9.63 -21.87 18.60
CA LEU A 178 8.56 -22.60 19.26
C LEU A 178 9.05 -23.34 20.51
N ASP A 179 10.27 -23.91 20.49
CA ASP A 179 10.79 -24.52 21.71
C ASP A 179 10.86 -23.52 22.85
N SER A 180 11.20 -22.27 22.56
CA SER A 180 11.35 -21.23 23.56
C SER A 180 10.04 -20.71 24.13
N LEU A 181 8.89 -21.04 23.52
N LEU A 181 8.89 -21.05 23.53
CA LEU A 181 7.63 -20.40 23.88
CA LEU A 181 7.63 -20.39 23.86
C LEU A 181 7.10 -20.85 25.24
C LEU A 181 7.07 -20.85 25.21
N GLN A 182 6.67 -19.88 26.05
CA GLN A 182 6.01 -20.16 27.33
C GLN A 182 4.50 -20.15 27.11
N ILE A 183 3.98 -21.31 26.69
CA ILE A 183 2.58 -21.45 26.28
C ILE A 183 1.62 -21.23 27.45
N ASP A 184 2.07 -21.48 28.68
CA ASP A 184 1.18 -21.37 29.84
C ASP A 184 0.86 -19.92 30.23
N ASN A 185 1.61 -18.94 29.72
CA ASN A 185 1.40 -17.52 30.01
C ASN A 185 0.57 -16.93 28.88
N LEU A 186 -0.73 -16.75 29.11
CA LEU A 186 -1.60 -16.20 28.07
C LEU A 186 -1.39 -14.72 27.84
N THR A 187 -0.49 -14.08 28.59
CA THR A 187 -0.20 -12.67 28.42
C THR A 187 1.14 -12.41 27.76
N SER A 188 1.91 -13.45 27.44
CA SER A 188 3.20 -13.26 26.77
C SER A 188 2.98 -12.64 25.40
N PRO A 189 3.49 -11.44 25.16
CA PRO A 189 3.48 -10.88 23.81
C PRO A 189 4.02 -11.81 22.74
N ASP A 190 5.07 -12.60 23.01
CA ASP A 190 5.61 -13.48 21.98
C ASP A 190 4.61 -14.56 21.59
N LEU A 191 3.93 -15.13 22.60
CA LEU A 191 2.83 -16.04 22.31
C LEU A 191 1.72 -15.38 21.50
N GLN A 192 1.34 -14.16 21.89
CA GLN A 192 0.28 -13.46 21.19
C GLN A 192 0.64 -13.26 19.71
N LEU A 193 1.89 -12.84 19.44
CA LEU A 193 2.34 -12.70 18.05
C LEU A 193 2.26 -14.04 17.31
N THR A 194 2.65 -15.12 17.98
CA THR A 194 2.66 -16.43 17.34
C THR A 194 1.25 -16.85 16.95
N VAL A 195 0.29 -16.66 17.84
CA VAL A 195 -1.09 -16.99 17.50
C VAL A 195 -1.58 -16.08 16.39
N GLY A 196 -1.20 -14.80 16.43
CA GLY A 196 -1.49 -13.93 15.30
C GLY A 196 -1.00 -14.51 13.98
N ALA A 197 0.23 -15.05 13.99
CA ALA A 197 0.81 -15.60 12.76
C ALA A 197 0.05 -16.83 12.30
N VAL A 198 -0.45 -17.63 13.24
CA VAL A 198 -1.32 -18.76 12.89
C VAL A 198 -2.57 -18.28 12.16
N ILE A 199 -3.23 -17.26 12.72
CA ILE A 199 -4.43 -16.72 12.09
C ILE A 199 -4.11 -16.17 10.71
N VAL A 200 -2.93 -15.54 10.55
CA VAL A 200 -2.60 -14.95 9.26
C VAL A 200 -2.30 -16.05 8.24
N GLU A 201 -1.70 -17.16 8.67
CA GLU A 201 -1.59 -18.31 7.77
C GLU A 201 -2.98 -18.72 7.26
N GLU A 202 -3.93 -18.81 8.18
CA GLU A 202 -5.29 -19.19 7.82
C GLU A 202 -5.93 -18.18 6.87
N MET A 203 -5.74 -16.90 7.16
CA MET A 203 -6.25 -15.83 6.30
C MET A 203 -5.65 -15.94 4.91
N ARG A 204 -4.34 -16.11 4.82
CA ARG A 204 -3.70 -16.20 3.51
C ARG A 204 -4.13 -17.45 2.77
N ALA A 205 -4.39 -18.54 3.49
CA ALA A 205 -4.85 -19.75 2.83
C ALA A 205 -6.24 -19.53 2.25
N ALA A 206 -7.11 -18.85 3.01
CA ALA A 206 -8.46 -18.56 2.53
C ALA A 206 -8.42 -17.66 1.31
N ILE A 207 -7.54 -16.64 1.33
CA ILE A 207 -7.42 -15.75 0.17
C ILE A 207 -7.04 -16.56 -1.05
N GLU A 208 -6.04 -17.45 -0.92
CA GLU A 208 -5.59 -18.18 -2.09
C GLU A 208 -6.63 -19.18 -2.55
N ARG A 209 -7.31 -19.84 -1.60
CA ARG A 209 -8.35 -20.80 -1.99
C ARG A 209 -9.47 -20.11 -2.75
N GLU A 210 -9.91 -18.95 -2.26
CA GLU A 210 -11.14 -18.35 -2.73
C GLU A 210 -10.92 -17.34 -3.83
N THR A 211 -9.68 -16.92 -4.10
CA THR A 211 -9.40 -16.02 -5.22
C THR A 211 -8.33 -16.52 -6.16
N GLY A 212 -7.47 -17.43 -5.74
CA GLY A 212 -6.30 -17.79 -6.48
C GLY A 212 -5.10 -16.91 -6.26
N PHE A 213 -5.24 -15.83 -5.49
CA PHE A 213 -4.17 -14.86 -5.29
C PHE A 213 -3.30 -15.24 -4.09
N GLN A 214 -1.99 -15.08 -4.25
CA GLN A 214 -1.03 -15.28 -3.18
C GLN A 214 -0.59 -13.93 -2.62
N CYS A 215 -0.14 -13.94 -1.37
CA CYS A 215 0.20 -12.68 -0.73
C CYS A 215 1.27 -12.96 0.31
N SER A 216 1.96 -11.90 0.71
CA SER A 216 2.91 -12.01 1.81
C SER A 216 2.36 -11.19 2.96
N ALA A 217 2.91 -11.42 4.16
CA ALA A 217 2.41 -10.67 5.30
C ALA A 217 3.51 -10.46 6.34
N GLY A 218 3.34 -9.41 7.13
CA GLY A 218 4.15 -9.19 8.32
C GLY A 218 3.27 -9.23 9.56
N ILE A 219 3.78 -9.80 10.65
CA ILE A 219 3.07 -9.84 11.91
C ILE A 219 3.97 -9.25 12.99
N SER A 220 3.50 -8.22 13.67
CA SER A 220 4.27 -7.64 14.78
C SER A 220 3.30 -6.94 15.73
N HIS A 221 3.81 -5.98 16.49
CA HIS A 221 2.99 -5.30 17.50
C HIS A 221 2.45 -3.96 17.04
N ASN A 222 2.81 -3.50 15.84
CA ASN A 222 2.29 -2.24 15.35
C ASN A 222 2.42 -2.21 13.83
N LYS A 223 1.85 -1.17 13.22
CA LYS A 223 1.76 -1.15 11.76
C LYS A 223 3.13 -1.03 11.10
N VAL A 224 4.01 -0.16 11.64
CA VAL A 224 5.28 0.06 10.96
C VAL A 224 6.13 -1.21 10.97
N LEU A 225 6.20 -1.87 12.13
CA LEU A 225 6.94 -3.13 12.20
C LEU A 225 6.30 -4.20 11.32
N ALA A 226 4.98 -4.24 11.27
CA ALA A 226 4.36 -5.28 10.46
C ALA A 226 4.65 -5.07 8.98
N LYS A 227 4.65 -3.81 8.52
CA LYS A 227 4.96 -3.54 7.13
C LYS A 227 6.43 -3.85 6.83
N LEU A 228 7.32 -3.49 7.78
CA LEU A 228 8.73 -3.82 7.62
C LEU A 228 8.93 -5.32 7.52
N ALA A 229 8.27 -6.06 8.43
CA ALA A 229 8.34 -7.51 8.46
C ALA A 229 7.86 -8.09 7.16
N CYS A 230 6.74 -7.59 6.64
CA CYS A 230 6.19 -8.13 5.41
C CYS A 230 7.23 -8.12 4.30
N GLY A 231 8.04 -7.06 4.22
CA GLY A 231 9.05 -6.99 3.15
C GLY A 231 10.21 -7.97 3.29
N LEU A 232 10.33 -8.69 4.40
CA LEU A 232 11.58 -9.40 4.64
C LEU A 232 11.65 -10.72 3.87
N ASN A 233 10.50 -11.32 3.54
CA ASN A 233 10.49 -12.67 2.96
C ASN A 233 9.29 -12.68 2.00
N LYS A 234 9.54 -12.31 0.78
CA LYS A 234 8.55 -12.33 -0.29
C LYS A 234 9.15 -13.18 -1.43
N PRO A 235 8.29 -13.77 -2.27
CA PRO A 235 6.82 -13.76 -2.24
C PRO A 235 6.23 -14.93 -1.48
N ASN A 236 4.93 -14.85 -1.21
CA ASN A 236 4.16 -15.99 -0.69
C ASN A 236 4.70 -16.52 0.63
N ARG A 237 5.16 -15.63 1.49
CA ARG A 237 5.64 -16.02 2.83
C ARG A 237 5.22 -14.96 3.82
N GLN A 238 5.32 -15.25 5.12
CA GLN A 238 4.99 -14.24 6.13
C GLN A 238 6.08 -14.23 7.19
N THR A 239 6.25 -13.07 7.85
CA THR A 239 7.40 -12.90 8.73
C THR A 239 6.91 -12.33 10.05
N LEU A 240 7.33 -12.96 11.15
CA LEU A 240 7.01 -12.51 12.49
C LEU A 240 8.21 -11.70 13.02
N VAL A 241 7.98 -10.43 13.37
CA VAL A 241 9.01 -9.56 13.95
C VAL A 241 8.59 -9.33 15.40
N SER A 242 9.30 -9.98 16.31
CA SER A 242 9.03 -9.86 17.74
C SER A 242 9.64 -8.57 18.30
N HIS A 243 9.16 -8.15 19.46
CA HIS A 243 9.77 -6.98 20.10
C HIS A 243 11.25 -7.21 20.32
N GLY A 244 11.61 -8.42 20.77
CA GLY A 244 13.00 -8.74 21.06
C GLY A 244 13.89 -8.68 19.84
N SER A 245 13.32 -8.86 18.65
CA SER A 245 14.13 -8.83 17.43
C SER A 245 14.52 -7.44 16.97
N VAL A 246 13.96 -6.41 17.57
CA VAL A 246 14.14 -5.06 17.03
C VAL A 246 15.57 -4.55 17.16
N PRO A 247 16.28 -4.70 18.28
CA PRO A 247 17.63 -4.11 18.34
C PRO A 247 18.55 -4.60 17.23
N GLN A 248 18.60 -5.94 16.99
CA GLN A 248 19.48 -6.45 15.93
C GLN A 248 18.94 -6.02 14.55
N LEU A 249 17.62 -6.13 14.34
CA LEU A 249 17.06 -5.77 13.04
C LEU A 249 17.37 -4.32 12.69
N PHE A 250 17.14 -3.41 13.64
CA PHE A 250 17.37 -1.98 13.39
C PHE A 250 18.85 -1.61 13.35
N SER A 251 19.75 -2.46 13.88
CA SER A 251 21.14 -2.09 13.97
C SER A 251 21.77 -1.92 12.60
N GLN A 252 21.23 -2.56 11.56
CA GLN A 252 21.77 -2.40 10.21
C GLN A 252 20.69 -2.00 9.23
N MET A 253 19.56 -1.50 9.73
CA MET A 253 18.46 -1.08 8.87
C MET A 253 18.58 0.35 8.42
N PRO A 254 18.77 0.60 7.13
CA PRO A 254 18.76 1.97 6.64
C PRO A 254 17.48 2.66 7.04
N ILE A 255 17.61 3.91 7.49
CA ILE A 255 16.47 4.70 7.97
C ILE A 255 15.37 4.79 6.91
N ARG A 256 15.75 4.81 5.61
CA ARG A 256 14.76 5.00 4.57
C ARG A 256 13.82 3.82 4.39
N LYS A 257 14.11 2.68 5.02
CA LYS A 257 13.25 1.54 4.83
C LYS A 257 12.02 1.57 5.72
N ILE A 258 12.00 2.43 6.73
CA ILE A 258 10.89 2.54 7.67
C ILE A 258 9.81 3.41 7.05
N ARG A 259 8.55 2.99 7.17
CA ARG A 259 7.47 3.74 6.53
C ARG A 259 7.40 5.17 7.05
N SER A 260 7.45 6.12 6.09
CA SER A 260 7.33 7.57 6.26
C SER A 260 8.71 8.24 6.28
N LEU A 261 9.78 7.44 6.31
CA LEU A 261 11.14 8.00 6.31
C LEU A 261 11.89 7.78 4.99
N GLY A 262 11.20 7.37 3.94
CA GLY A 262 11.77 7.17 2.63
C GLY A 262 11.97 8.41 1.81
N GLY A 263 11.60 9.57 2.34
CA GLY A 263 11.58 10.83 1.63
C GLY A 263 12.47 11.88 2.25
N LYS A 264 12.04 13.16 2.19
CA LYS A 264 12.89 14.24 2.67
C LYS A 264 13.13 14.20 4.18
N LEU A 265 12.13 13.82 4.98
CA LEU A 265 12.34 13.75 6.43
C LEU A 265 13.44 12.75 6.76
N GLY A 266 13.36 11.56 6.18
CA GLY A 266 14.43 10.59 6.39
C GLY A 266 15.79 11.12 5.99
N ALA A 267 15.86 11.79 4.84
CA ALA A 267 17.15 12.32 4.41
C ALA A 267 17.66 13.35 5.41
N SER A 268 16.75 14.14 5.99
CA SER A 268 17.21 15.15 6.95
C SER A 268 17.63 14.51 8.28
N VAL A 269 16.95 13.43 8.70
CA VAL A 269 17.41 12.70 9.90
C VAL A 269 18.84 12.22 9.69
N ILE A 270 19.10 11.64 8.51
CA ILE A 270 20.45 11.16 8.19
C ILE A 270 21.44 12.30 8.19
N GLU A 271 21.10 13.41 7.53
CA GLU A 271 22.05 14.50 7.32
C GLU A 271 22.30 15.26 8.63
N ILE A 272 21.24 15.55 9.38
CA ILE A 272 21.36 16.37 10.58
C ILE A 272 22.03 15.61 11.70
N LEU A 273 21.66 14.33 11.89
CA LEU A 273 22.21 13.58 13.01
C LEU A 273 23.50 12.85 12.67
N GLY A 274 23.79 12.69 11.38
CA GLY A 274 25.00 12.04 10.93
C GLY A 274 24.97 10.55 11.17
N ILE A 275 23.81 9.91 11.00
CA ILE A 275 23.64 8.48 11.19
C ILE A 275 23.15 7.86 9.89
N GLU A 276 23.17 6.52 9.85
CA GLU A 276 22.64 5.76 8.72
C GLU A 276 21.51 4.79 9.07
N TYR A 277 21.53 4.18 10.25
CA TYR A 277 20.64 3.08 10.58
C TYR A 277 19.61 3.46 11.65
N MET A 278 18.42 2.85 11.54
CA MET A 278 17.36 3.10 12.52
C MET A 278 17.82 3.02 13.97
N GLY A 279 18.59 1.98 14.32
CA GLY A 279 18.93 1.79 15.72
C GLY A 279 19.76 2.92 16.28
N GLU A 280 20.52 3.62 15.42
CA GLU A 280 21.33 4.72 15.92
C GLU A 280 20.47 5.83 16.53
N LEU A 281 19.16 5.88 16.20
CA LEU A 281 18.34 6.91 16.81
C LEU A 281 18.23 6.75 18.31
N THR A 282 18.51 5.56 18.85
CA THR A 282 18.24 5.40 20.28
C THR A 282 19.15 6.28 21.11
N GLN A 283 20.24 6.80 20.51
CA GLN A 283 21.22 7.53 21.32
C GLN A 283 20.77 8.94 21.68
N PHE A 284 19.71 9.44 21.06
CA PHE A 284 19.25 10.81 21.20
C PHE A 284 18.07 10.88 22.18
N THR A 285 17.97 12.00 22.89
CA THR A 285 16.84 12.13 23.80
C THR A 285 15.59 12.52 23.01
N GLU A 286 14.42 12.33 23.62
CA GLU A 286 13.20 12.73 22.93
C GLU A 286 13.23 14.21 22.61
N SER A 287 13.73 15.03 23.55
CA SER A 287 13.81 16.48 23.33
C SER A 287 14.74 16.81 22.18
N GLN A 288 15.89 16.12 22.08
CA GLN A 288 16.79 16.36 20.94
C GLN A 288 16.08 16.13 19.61
N LEU A 289 15.35 15.01 19.53
CA LEU A 289 14.69 14.68 18.27
C LEU A 289 13.58 15.68 17.95
N GLN A 290 12.83 16.09 18.96
CA GLN A 290 11.80 17.11 18.74
C GLN A 290 12.41 18.43 18.29
N SER A 291 13.59 18.75 18.82
CA SER A 291 14.25 19.99 18.46
CA SER A 291 14.26 19.99 18.45
C SER A 291 14.66 19.99 16.99
N HIS A 292 14.98 18.83 16.44
CA HIS A 292 15.32 18.81 15.02
C HIS A 292 14.13 18.64 14.10
N PHE A 293 13.11 17.87 14.51
CA PHE A 293 12.10 17.40 13.56
C PHE A 293 10.67 17.75 13.99
N GLY A 294 10.51 18.54 15.04
CA GLY A 294 9.18 18.89 15.49
C GLY A 294 8.68 17.95 16.57
N GLU A 295 7.68 18.42 17.33
CA GLU A 295 7.17 17.70 18.50
CA GLU A 295 7.18 17.67 18.50
C GLU A 295 6.64 16.31 18.08
N LYS A 296 5.76 16.28 17.07
CA LYS A 296 5.16 15.00 16.67
C LYS A 296 6.20 14.06 16.08
N ASN A 297 6.95 14.53 15.06
CA ASN A 297 7.95 13.68 14.45
C ASN A 297 8.99 13.23 15.47
N GLY A 298 9.37 14.13 16.39
CA GLY A 298 10.40 13.77 17.37
C GLY A 298 9.94 12.68 18.32
N SER A 299 8.73 12.84 18.88
CA SER A 299 8.18 11.79 19.74
C SER A 299 8.00 10.49 18.97
N TRP A 300 7.56 10.58 17.71
CA TRP A 300 7.37 9.38 16.91
C TRP A 300 8.69 8.65 16.68
N LEU A 301 9.75 9.40 16.34
CA LEU A 301 11.05 8.81 16.11
C LEU A 301 11.62 8.18 17.37
N TYR A 302 11.47 8.87 18.50
CA TYR A 302 11.99 8.36 19.77
C TYR A 302 11.37 7.00 20.09
N ALA A 303 10.05 6.89 19.93
CA ALA A 303 9.42 5.59 20.21
C ALA A 303 9.74 4.58 19.13
N MET A 304 9.79 5.01 17.87
CA MET A 304 9.83 4.01 16.80
C MET A 304 11.20 3.36 16.66
N CYS A 305 12.28 4.08 17.00
CA CYS A 305 13.57 3.40 16.98
C CYS A 305 13.71 2.36 18.10
N ARG A 306 12.79 2.38 19.07
CA ARG A 306 12.67 1.37 20.11
C ARG A 306 11.64 0.28 19.79
N GLY A 307 11.05 0.30 18.60
CA GLY A 307 10.05 -0.68 18.20
C GLY A 307 8.62 -0.31 18.55
N ILE A 308 8.37 0.92 18.96
CA ILE A 308 7.09 1.31 19.56
C ILE A 308 6.43 2.35 18.68
N GLU A 309 5.15 2.12 18.36
CA GLU A 309 4.37 3.00 17.50
C GLU A 309 2.92 2.77 17.89
N HIS A 310 2.13 3.84 17.96
CA HIS A 310 0.78 3.70 18.49
C HIS A 310 -0.33 3.94 17.48
N ASP A 311 0.01 4.27 16.24
CA ASP A 311 -0.98 4.52 15.17
C ASP A 311 -1.98 3.37 15.12
N PRO A 312 -3.27 3.64 15.23
CA PRO A 312 -4.24 2.53 15.21
C PRO A 312 -4.54 1.99 13.82
N VAL A 313 -4.93 0.73 13.79
CA VAL A 313 -5.50 0.17 12.56
C VAL A 313 -6.90 0.75 12.48
N LYS A 314 -7.14 1.61 11.49
CA LYS A 314 -8.46 2.29 11.42
CA LYS A 314 -8.44 2.28 11.40
C LYS A 314 -9.46 1.32 10.80
N PRO A 315 -10.66 1.21 11.37
CA PRO A 315 -11.69 0.39 10.75
C PRO A 315 -12.18 1.04 9.46
N ARG A 316 -11.54 0.71 8.34
CA ARG A 316 -11.89 1.38 7.07
C ARG A 316 -11.49 0.46 5.93
N GLN A 317 -12.49 -0.23 5.37
CA GLN A 317 -12.35 -1.16 4.27
C GLN A 317 -12.54 -0.53 2.90
N LEU A 318 -13.16 0.66 2.83
CA LEU A 318 -13.43 1.32 1.57
C LEU A 318 -12.54 2.56 1.40
N PRO A 319 -12.21 2.94 0.17
CA PRO A 319 -11.44 4.18 -0.02
C PRO A 319 -12.25 5.39 0.45
N LYS A 320 -11.54 6.43 0.90
CA LYS A 320 -12.16 7.69 1.32
C LYS A 320 -12.40 8.66 0.17
N THR A 321 -11.80 8.40 -0.99
CA THR A 321 -11.86 9.28 -2.14
C THR A 321 -11.97 8.40 -3.37
N ILE A 322 -12.57 8.95 -4.43
CA ILE A 322 -12.70 8.24 -5.69
C ILE A 322 -12.16 9.20 -6.76
N GLY A 323 -11.04 8.83 -7.37
CA GLY A 323 -10.30 9.78 -8.18
C GLY A 323 -10.04 9.29 -9.59
N CYS A 324 -9.92 10.25 -10.51
CA CYS A 324 -9.70 10.00 -11.94
CA CYS A 324 -9.69 10.00 -11.92
C CYS A 324 -8.64 11.00 -12.40
N SER A 325 -7.50 10.49 -12.87
CA SER A 325 -6.33 11.33 -13.15
C SER A 325 -5.76 10.97 -14.52
N LYS A 326 -5.28 11.96 -15.25
CA LYS A 326 -4.50 11.69 -16.45
C LYS A 326 -3.40 12.71 -16.65
N ASN A 327 -2.18 12.21 -16.91
CA ASN A 327 -1.03 13.03 -17.30
C ASN A 327 -1.05 13.24 -18.81
N PHE A 328 -0.61 14.43 -19.25
CA PHE A 328 -0.50 14.76 -20.68
C PHE A 328 0.91 15.29 -20.95
N PRO A 329 1.89 14.41 -21.07
CA PRO A 329 3.28 14.85 -21.18
C PRO A 329 3.69 15.20 -22.61
N GLY A 330 4.70 16.07 -22.69
CA GLY A 330 5.32 16.39 -23.96
C GLY A 330 4.39 17.15 -24.89
N LYS A 331 4.45 16.82 -26.17
CA LYS A 331 3.61 17.45 -27.18
C LYS A 331 2.17 16.94 -27.17
N THR A 332 1.79 16.15 -26.17
CA THR A 332 0.40 15.82 -25.95
C THR A 332 -0.27 16.72 -24.91
N ALA A 333 0.46 17.65 -24.29
CA ALA A 333 -0.14 18.65 -23.43
C ALA A 333 -1.30 19.37 -24.13
N LEU A 334 -2.33 19.69 -23.35
CA LEU A 334 -3.57 20.24 -23.90
C LEU A 334 -3.43 21.74 -24.15
N ALA A 335 -3.84 22.19 -25.35
CA ALA A 335 -3.56 23.55 -25.77
C ALA A 335 -4.76 24.32 -26.31
N THR A 336 -5.95 23.72 -26.34
CA THR A 336 -7.17 24.38 -26.79
C THR A 336 -8.28 24.19 -25.77
N ARG A 337 -9.27 25.09 -25.86
CA ARG A 337 -10.49 24.99 -25.05
C ARG A 337 -11.20 23.67 -25.30
N GLU A 338 -11.38 23.32 -26.58
CA GLU A 338 -12.08 22.10 -26.92
C GLU A 338 -11.41 20.89 -26.29
N GLN A 339 -10.07 20.85 -26.31
CA GLN A 339 -9.32 19.72 -25.76
C GLN A 339 -9.53 19.58 -24.26
N VAL A 340 -9.37 20.70 -23.54
CA VAL A 340 -9.52 20.66 -22.09
C VAL A 340 -10.93 20.22 -21.73
N GLN A 341 -11.93 20.70 -22.46
CA GLN A 341 -13.30 20.28 -22.18
C GLN A 341 -13.49 18.80 -22.48
N TRP A 342 -12.90 18.30 -23.56
CA TRP A 342 -13.19 16.92 -23.93
C TRP A 342 -12.53 15.97 -22.92
N TRP A 343 -11.34 16.31 -22.44
CA TRP A 343 -10.73 15.42 -21.44
C TRP A 343 -11.39 15.57 -20.06
N LEU A 344 -11.77 16.79 -19.68
CA LEU A 344 -12.56 16.92 -18.45
C LEU A 344 -13.81 16.06 -18.54
N LEU A 345 -14.44 16.02 -19.71
CA LEU A 345 -15.62 15.19 -19.88
C LEU A 345 -15.28 13.71 -19.76
N GLN A 346 -14.15 13.29 -20.35
CA GLN A 346 -13.81 11.87 -20.25
C GLN A 346 -13.60 11.45 -18.81
N LEU A 347 -12.83 12.25 -18.07
CA LEU A 347 -12.59 12.01 -16.65
C LEU A 347 -13.90 11.99 -15.86
N ALA A 348 -14.75 12.97 -16.11
CA ALA A 348 -16.02 13.06 -15.38
C ALA A 348 -16.93 11.89 -15.71
N GLN A 349 -16.88 11.36 -16.93
CA GLN A 349 -17.70 10.21 -17.24
C GLN A 349 -17.22 8.96 -16.53
N GLU A 350 -15.90 8.76 -16.45
CA GLU A 350 -15.41 7.63 -15.66
C GLU A 350 -15.76 7.81 -14.19
N LEU A 351 -15.61 9.03 -13.68
CA LEU A 351 -15.94 9.32 -12.29
C LEU A 351 -17.41 9.07 -12.01
N GLU A 352 -18.30 9.49 -12.92
CA GLU A 352 -19.73 9.24 -12.73
C GLU A 352 -20.02 7.75 -12.66
N GLU A 353 -19.44 6.97 -13.58
CA GLU A 353 -19.63 5.52 -13.54
C GLU A 353 -19.22 4.94 -12.20
N ARG A 354 -18.03 5.32 -11.74
CA ARG A 354 -17.52 4.73 -10.51
CA ARG A 354 -17.48 4.77 -10.50
C ARG A 354 -18.32 5.19 -9.30
N LEU A 355 -18.77 6.44 -9.29
CA LEU A 355 -19.55 6.99 -8.19
C LEU A 355 -20.92 6.33 -8.10
N THR A 356 -21.60 6.17 -9.23
CA THR A 356 -22.90 5.52 -9.20
C THR A 356 -22.76 4.10 -8.66
N LYS A 357 -21.71 3.38 -9.09
CA LYS A 357 -21.49 2.03 -8.58
C LYS A 357 -21.20 2.08 -7.08
N ASP A 358 -20.41 3.08 -6.65
CA ASP A 358 -20.07 3.18 -5.23
C ASP A 358 -21.30 3.46 -4.38
N ARG A 359 -22.16 4.36 -4.84
CA ARG A 359 -23.38 4.67 -4.08
C ARG A 359 -24.27 3.46 -3.95
N ASN A 360 -24.42 2.68 -5.02
CA ASN A 360 -25.21 1.45 -4.92
C ASN A 360 -24.58 0.42 -3.98
N ASP A 361 -23.25 0.26 -4.04
CA ASP A 361 -22.59 -0.79 -3.28
C ASP A 361 -22.51 -0.47 -1.80
N ASN A 362 -22.24 0.80 -1.47
CA ASN A 362 -21.72 1.19 -0.18
C ASN A 362 -22.56 2.23 0.56
N ASP A 363 -23.72 2.63 0.03
CA ASP A 363 -24.68 3.46 0.79
C ASP A 363 -24.08 4.78 1.22
N ARG A 364 -23.50 5.51 0.27
CA ARG A 364 -22.90 6.80 0.57
C ARG A 364 -22.88 7.64 -0.70
N VAL A 365 -22.77 8.95 -0.52
CA VAL A 365 -22.67 9.91 -1.61
C VAL A 365 -21.52 10.87 -1.33
N ALA A 366 -20.72 11.15 -2.35
CA ALA A 366 -19.69 12.17 -2.25
C ALA A 366 -20.33 13.55 -2.33
N THR A 367 -19.76 14.50 -1.61
CA THR A 367 -20.35 15.83 -1.62
C THR A 367 -19.42 16.93 -2.11
N GLN A 368 -18.16 16.62 -2.40
CA GLN A 368 -17.23 17.66 -2.81
C GLN A 368 -16.45 17.16 -4.02
N LEU A 369 -16.24 18.04 -4.98
CA LEU A 369 -15.45 17.73 -6.17
C LEU A 369 -14.16 18.53 -6.10
N VAL A 370 -13.03 17.83 -6.16
CA VAL A 370 -11.70 18.43 -6.22
C VAL A 370 -11.23 18.39 -7.66
N VAL A 371 -10.80 19.53 -8.18
CA VAL A 371 -10.25 19.61 -9.52
CA VAL A 371 -10.27 19.66 -9.54
C VAL A 371 -8.83 20.14 -9.40
N SER A 372 -7.89 19.38 -9.96
CA SER A 372 -6.49 19.76 -9.91
C SER A 372 -5.90 19.68 -11.31
N ILE A 373 -4.95 20.56 -11.57
CA ILE A 373 -4.28 20.61 -12.88
C ILE A 373 -2.80 20.85 -12.68
N ARG A 374 -2.03 20.47 -13.71
CA ARG A 374 -0.64 20.87 -13.87
C ARG A 374 -0.48 21.65 -15.16
N VAL A 375 0.25 22.76 -15.13
CA VAL A 375 0.50 23.53 -16.36
C VAL A 375 1.90 23.19 -16.87
N GLN A 376 2.05 23.22 -18.20
CA GLN A 376 3.34 22.96 -18.81
C GLN A 376 4.40 23.90 -18.26
N GLY A 377 5.54 23.34 -17.91
CA GLY A 377 6.62 24.16 -17.43
C GLY A 377 6.55 24.49 -15.96
N ASP A 378 5.61 23.84 -15.25
CA ASP A 378 5.55 23.91 -13.77
C ASP A 378 6.30 22.71 -13.24
N LYS A 379 7.05 22.85 -12.17
CA LYS A 379 7.90 21.74 -11.68
C LYS A 379 7.18 20.94 -10.60
N ARG A 380 6.07 21.46 -10.09
CA ARG A 380 5.25 20.74 -9.08
C ARG A 380 4.43 19.64 -9.78
N LEU A 381 4.12 18.54 -9.09
CA LEU A 381 3.23 17.52 -9.71
C LEU A 381 1.83 18.11 -9.76
N SER A 382 1.50 18.97 -8.80
CA SER A 382 0.19 19.67 -8.82
C SER A 382 0.44 21.16 -8.85
N SER A 383 -0.23 21.85 -9.76
CA SER A 383 -0.01 23.31 -9.93
C SER A 383 -1.12 24.06 -9.22
N LEU A 384 -2.31 23.47 -9.16
CA LEU A 384 -3.48 24.13 -8.55
C LEU A 384 -4.52 23.07 -8.17
N ARG A 385 -5.17 23.26 -7.03
CA ARG A 385 -6.22 22.32 -6.58
C ARG A 385 -7.37 23.15 -6.00
N ARG A 386 -8.52 23.19 -6.65
CA ARG A 386 -9.66 23.91 -6.14
CA ARG A 386 -9.67 23.91 -6.16
C ARG A 386 -10.85 22.97 -6.03
N CYS A 387 -11.73 23.26 -5.07
CA CYS A 387 -12.89 22.41 -4.83
C CYS A 387 -14.15 23.17 -5.17
N CYS A 388 -15.19 22.42 -5.52
CA CYS A 388 -16.55 22.96 -5.68
C CYS A 388 -17.53 21.92 -5.18
N ALA A 389 -18.81 22.30 -5.17
CA ALA A 389 -19.86 21.41 -4.69
C ALA A 389 -20.11 20.28 -5.67
N LEU A 390 -20.30 19.08 -5.15
CA LEU A 390 -20.72 17.91 -5.94
C LEU A 390 -22.13 17.55 -5.51
N THR A 391 -23.12 17.99 -6.27
CA THR A 391 -24.52 17.87 -5.87
C THR A 391 -25.28 16.74 -6.58
N ARG A 392 -24.89 16.39 -7.81
CA ARG A 392 -25.49 15.24 -8.47
C ARG A 392 -24.46 14.53 -9.34
N TYR A 393 -24.70 13.25 -9.56
CA TYR A 393 -23.75 12.39 -10.25
C TYR A 393 -24.02 12.51 -11.76
N ASP A 394 -23.61 13.65 -12.30
CA ASP A 394 -23.78 13.95 -13.72
C ASP A 394 -22.46 14.37 -14.35
N ALA A 395 -21.99 13.59 -15.33
CA ALA A 395 -20.67 13.85 -15.90
C ALA A 395 -20.61 15.20 -16.60
N HIS A 396 -21.64 15.55 -17.38
CA HIS A 396 -21.65 16.85 -18.04
C HIS A 396 -21.59 17.98 -17.03
N LYS A 397 -22.37 17.88 -15.94
CA LYS A 397 -22.32 18.90 -14.91
C LYS A 397 -20.97 18.93 -14.18
N MET A 398 -20.43 17.77 -13.80
CA MET A 398 -19.14 17.79 -13.11
C MET A 398 -18.04 18.38 -13.99
N SER A 399 -18.06 18.05 -15.28
CA SER A 399 -17.04 18.59 -16.18
C SER A 399 -17.24 20.08 -16.42
N HIS A 400 -18.47 20.54 -16.57
CA HIS A 400 -18.73 21.97 -16.68
C HIS A 400 -18.26 22.70 -15.42
N ASP A 401 -18.47 22.12 -14.24
CA ASP A 401 -18.07 22.76 -12.99
C ASP A 401 -16.57 22.78 -12.83
N ALA A 402 -15.88 21.69 -13.20
CA ALA A 402 -14.42 21.70 -13.15
C ALA A 402 -13.85 22.74 -14.11
N PHE A 403 -14.42 22.86 -15.30
CA PHE A 403 -14.02 23.93 -16.20
C PHE A 403 -14.26 25.29 -15.58
N THR A 404 -15.47 25.53 -15.10
CA THR A 404 -15.79 26.81 -14.48
C THR A 404 -14.78 27.14 -13.39
N VAL A 405 -14.27 26.12 -12.71
CA VAL A 405 -13.37 26.38 -11.60
C VAL A 405 -11.93 26.59 -12.07
N ILE A 406 -11.53 26.02 -13.22
CA ILE A 406 -10.16 26.23 -13.70
C ILE A 406 -10.01 27.26 -14.83
N LYS A 407 -11.11 27.78 -15.40
CA LYS A 407 -11.02 28.55 -16.65
C LYS A 407 -10.17 29.81 -16.51
N ASN A 408 -10.15 30.41 -15.34
CA ASN A 408 -9.32 31.61 -15.19
C ASN A 408 -7.83 31.31 -15.13
N CYS A 409 -7.38 30.10 -15.45
CA CYS A 409 -5.95 29.86 -15.66
C CYS A 409 -5.53 30.06 -17.10
N ASN A 410 -6.48 30.05 -18.03
CA ASN A 410 -6.17 30.32 -19.42
C ASN A 410 -5.81 31.80 -19.57
N THR A 411 -4.58 32.07 -20.01
CA THR A 411 -4.11 33.44 -20.23
C THR A 411 -4.19 33.87 -21.70
N SER A 412 -4.86 33.09 -22.55
CA SER A 412 -5.00 33.45 -23.95
C SER A 412 -5.94 34.64 -24.13
N GLY A 413 -5.87 35.25 -25.32
CA GLY A 413 -6.75 36.32 -25.70
C GLY A 413 -7.64 35.91 -26.87
N THR A 416 -10.42 30.53 -27.31
CA THR A 416 -10.40 29.35 -28.17
C THR A 416 -9.09 28.57 -28.00
N GLU A 417 -8.03 29.28 -27.62
CA GLU A 417 -6.75 28.67 -27.31
C GLU A 417 -6.62 28.50 -25.79
N TRP A 418 -5.69 27.64 -25.37
CA TRP A 418 -5.39 27.45 -23.96
C TRP A 418 -3.88 27.57 -23.74
N SER A 419 -3.48 28.52 -22.90
CA SER A 419 -2.09 28.73 -22.57
C SER A 419 -2.00 29.10 -21.08
N PRO A 420 -0.98 28.60 -20.37
CA PRO A 420 0.01 27.61 -20.83
C PRO A 420 -0.61 26.21 -20.93
N PRO A 421 -0.10 25.36 -21.82
CA PRO A 421 -0.69 24.01 -22.01
C PRO A 421 -0.70 23.19 -20.72
N LEU A 422 -1.70 22.32 -20.63
CA LEU A 422 -2.00 21.54 -19.43
C LEU A 422 -1.38 20.15 -19.55
N THR A 423 -0.62 19.74 -18.54
CA THR A 423 0.05 18.46 -18.57
C THR A 423 -0.57 17.45 -17.61
N MET A 424 -1.63 17.82 -16.89
CA MET A 424 -2.30 16.89 -16.00
C MET A 424 -3.71 17.42 -15.70
N LEU A 425 -4.70 16.52 -15.73
CA LEU A 425 -6.03 16.81 -15.24
C LEU A 425 -6.37 15.81 -14.16
N PHE A 426 -7.20 16.23 -13.20
CA PHE A 426 -7.47 15.39 -12.04
CA PHE A 426 -7.47 15.39 -12.04
C PHE A 426 -8.82 15.77 -11.45
N LEU A 427 -9.75 14.81 -11.37
CA LEU A 427 -11.05 14.99 -10.73
C LEU A 427 -11.16 13.99 -9.60
N CYS A 428 -11.46 14.46 -8.39
CA CYS A 428 -11.59 13.59 -7.23
C CYS A 428 -12.86 13.89 -6.46
N ALA A 429 -13.65 12.84 -6.19
CA ALA A 429 -14.83 12.96 -5.36
C ALA A 429 -14.45 12.62 -3.93
N THR A 430 -14.82 13.51 -3.00
CA THR A 430 -14.41 13.43 -1.60
C THR A 430 -15.60 13.79 -0.72
N LYS A 431 -15.40 13.72 0.60
CA LYS A 431 -16.40 14.12 1.61
C LYS A 431 -17.70 13.31 1.49
N PHE A 432 -17.57 12.01 1.74
CA PHE A 432 -18.71 11.12 1.62
C PHE A 432 -19.61 11.25 2.85
N SER A 433 -20.90 11.03 2.62
CA SER A 433 -21.87 11.00 3.71
C SER A 433 -22.86 9.87 3.46
N ALA A 434 -23.35 9.28 4.54
CA ALA A 434 -24.19 8.10 4.44
C ALA A 434 -25.45 8.41 3.65
N SER A 435 -25.88 7.44 2.85
CA SER A 435 -27.02 7.62 1.96
C SER A 435 -27.96 6.43 2.06
P CAR C 8 4.47 1.51 0.73
P CAR C 8 6.50 1.25 -0.27
OP1 CAR C 8 4.62 1.88 2.18
OP1 CAR C 8 5.89 -0.10 0.08
OP2 CAR C 8 5.14 0.19 0.41
OP2 CAR C 8 7.85 1.63 0.26
O5' CAR C 8 2.89 1.50 0.24
O5' CAR C 8 6.55 1.36 -1.85
C5' CAR C 8 2.31 0.30 -0.21
C5' CAR C 8 5.74 0.55 -2.68
C4' CAR C 8 1.35 0.45 -1.42
C4' CAR C 8 4.34 1.10 -2.79
O4' CAR C 8 1.85 1.66 -2.00
O4' CAR C 8 4.39 2.54 -3.03
C3' CAR C 8 1.60 -0.61 -2.50
C3' CAR C 8 3.53 0.52 -3.98
O3' CAR C 8 0.36 -0.89 -3.09
O3' CAR C 8 2.16 0.40 -3.61
C2' CAR C 8 2.41 0.11 -3.56
C2' CAR C 8 3.68 1.62 -5.02
O2' CAR C 8 3.78 0.19 -3.22
O2' CAR C 8 4.91 1.57 -5.71
C1' CAR C 8 1.73 1.48 -3.41
C1' CAR C 8 3.57 2.83 -4.14
N1 CAR C 8 2.30 2.62 -4.13
N1 CAR C 8 3.97 4.10 -4.78
C2 CAR C 8 1.52 3.28 -5.09
C2 CAR C 8 2.91 4.75 -5.58
O2 CAR C 8 0.38 2.88 -5.34
O2 CAR C 8 1.85 4.22 -5.66
N3 CAR C 8 2.01 4.35 -5.76
N3 CAR C 8 3.17 6.03 -6.28
C4 CAR C 8 3.24 4.80 -5.51
C4 CAR C 8 4.46 6.65 -6.18
N4 CAR C 8 3.69 5.85 -6.18
N4 CAR C 8 4.70 7.91 -6.87
C5 CAR C 8 4.04 4.15 -4.54
C5 CAR C 8 5.54 6.00 -5.37
C6 CAR C 8 3.57 3.09 -3.86
C6 CAR C 8 5.28 4.70 -4.67
MG MG D . 1.98 -5.94 -3.42
MG MG E . 1.18 -3.06 -1.70
PG DTP F . 4.94 -6.85 -4.49
O1G DTP F . 6.34 -6.34 -4.35
O2G DTP F . 4.01 -6.27 -3.47
O3G DTP F . 4.88 -8.35 -4.56
PB DTP F . 3.14 -5.42 -6.24
O1B DTP F . 1.95 -5.87 -5.46
O2B DTP F . 3.02 -5.22 -7.72
O3B DTP F . 4.39 -6.33 -5.90
PA DTP F . 2.98 -3.02 -4.61
O1A DTP F . 2.39 -3.75 -3.47
O2A DTP F . 4.02 -1.99 -4.33
O3A DTP F . 3.66 -4.05 -5.61
O5' DTP F . 1.81 -2.40 -5.53
C5' DTP F . 0.61 -3.20 -5.69
C4' DTP F . -0.07 -2.93 -7.02
O4' DTP F . -0.37 -1.53 -7.12
C3' DTP F . 0.73 -3.31 -8.25
O3' DTP F . 0.35 -4.59 -8.72
C2' DTP F . 0.36 -2.24 -9.27
C1' DTP F . -0.01 -1.05 -8.41
N9 DTP F . 1.06 -0.09 -8.24
C8 DTP F . 2.02 -0.06 -7.27
N7 DTP F . 2.82 0.97 -7.39
C5 DTP F . 2.35 1.65 -8.51
C6 DTP F . 2.77 2.81 -9.16
N6 DTP F . 3.80 3.56 -8.79
N1 DTP F . 2.05 3.19 -10.25
C2 DTP F . 1.01 2.45 -10.65
N3 DTP F . 0.53 1.34 -10.11
C4 DTP F . 1.25 1.00 -9.03
#